data_7IAX
#
_entry.id   7IAX
#
_cell.length_a   60.590
_cell.length_b   60.590
_cell.length_c   215.180
_cell.angle_alpha   90.00
_cell.angle_beta   90.00
_cell.angle_gamma   90.00
#
_symmetry.space_group_name_H-M   'P 43 21 2'
#
loop_
_entity.id
_entity.type
_entity.pdbx_description
1 polymer 'NS2B co-factor'
2 polymer 'NS3 protease'
3 non-polymer 2-[(1S)-2,2-difluorocyclopentyl]ethan-1-amine
4 water water
#
loop_
_entity_poly.entity_id
_entity_poly.type
_entity_poly.pdbx_seq_one_letter_code
_entity_poly.pdbx_strand_id
1 'polypeptide(L)' MTGKSVDMYIERAGDITWEKDAEVTGNSPRLDVALDESGDFSLVEEDGPPMRE A,C
2 'polypeptide(L)'
;GALWDVPAPKEVKKGETTDGVYRVMTRRLLGSTQVGVGVMQEGVFHTMWHVTKGAALRSGEGRLDPYWGDVKQDLVSYCG
PWKLDAAWDGLSEVQLLAVPPGERAKNIQTLPGIFKTKDGDIGAVALDYPAGTSGSPILDKSGRVIGLYGNGVVIKNGSY
VSAITQGKREEETPVE
;
B,D
#
# COMPACT_ATOMS: atom_id res chain seq x y z
N VAL A 6 15.82 16.72 -7.80
CA VAL A 6 14.69 15.84 -7.56
C VAL A 6 13.73 15.79 -8.76
N ASP A 7 13.88 14.76 -9.57
CA ASP A 7 13.07 14.55 -10.76
C ASP A 7 11.70 14.02 -10.32
N MET A 8 10.66 14.85 -10.49
CA MET A 8 9.26 14.41 -10.38
C MET A 8 8.67 14.24 -11.78
N TYR A 9 8.08 13.08 -12.04
CA TYR A 9 7.63 12.71 -13.38
C TYR A 9 6.35 11.90 -13.30
N ILE A 10 5.62 11.83 -14.41
CA ILE A 10 4.34 11.12 -14.45
C ILE A 10 4.38 9.96 -15.45
N GLU A 11 3.61 8.91 -15.10
CA GLU A 11 3.44 7.72 -15.93
C GLU A 11 1.95 7.36 -16.00
N ARG A 12 1.44 7.12 -17.21
CA ARG A 12 0.03 6.82 -17.37
C ARG A 12 -0.27 5.47 -16.73
N ALA A 13 -1.40 5.38 -16.03
CA ALA A 13 -1.79 4.16 -15.34
C ALA A 13 -3.15 3.62 -15.76
N GLY A 14 -3.94 4.37 -16.50
CA GLY A 14 -5.22 3.82 -16.94
C GLY A 14 -6.14 4.88 -17.48
N ASP A 15 -7.26 4.39 -18.03
CA ASP A 15 -8.36 5.23 -18.43
C ASP A 15 -9.18 5.61 -17.19
N ILE A 16 -9.94 6.69 -17.30
CA ILE A 16 -10.85 7.06 -16.24
C ILE A 16 -12.23 6.49 -16.59
N THR A 17 -12.57 5.35 -15.97
N THR A 17 -12.56 5.35 -15.97
CA THR A 17 -13.79 4.64 -16.32
CA THR A 17 -13.78 4.62 -16.28
C THR A 17 -14.37 3.99 -15.08
C THR A 17 -14.38 4.09 -15.00
N TRP A 18 -15.71 4.04 -14.99
CA TRP A 18 -16.45 3.26 -14.01
C TRP A 18 -16.34 1.78 -14.37
N GLU A 19 -16.23 0.92 -13.35
CA GLU A 19 -16.16 -0.53 -13.55
C GLU A 19 -17.37 -1.19 -12.89
N LYS A 20 -18.16 -1.90 -13.71
CA LYS A 20 -19.38 -2.54 -13.20
C LYS A 20 -19.07 -3.59 -12.14
N ASP A 21 -17.88 -4.18 -12.17
CA ASP A 21 -17.51 -5.30 -11.31
C ASP A 21 -16.59 -4.88 -10.16
N ALA A 22 -16.72 -3.66 -9.69
CA ALA A 22 -15.84 -3.17 -8.63
C ALA A 22 -16.17 -3.81 -7.28
N GLU A 23 -15.12 -4.09 -6.52
CA GLU A 23 -15.20 -4.30 -5.07
C GLU A 23 -15.94 -3.15 -4.41
N VAL A 24 -16.81 -3.48 -3.46
CA VAL A 24 -17.62 -2.48 -2.74
C VAL A 24 -17.28 -2.55 -1.26
N THR A 25 -16.94 -1.41 -0.67
CA THR A 25 -16.57 -1.42 0.74
C THR A 25 -16.61 -0.02 1.31
N GLY A 26 -16.57 0.05 2.63
CA GLY A 26 -16.44 1.30 3.34
C GLY A 26 -17.77 1.83 3.84
N ASN A 27 -17.72 2.49 5.01
N ASN A 27 -17.70 2.56 4.98
CA ASN A 27 -18.93 3.04 5.60
CA ASN A 27 -18.86 3.16 5.63
C ASN A 27 -19.06 4.51 5.20
C ASN A 27 -19.16 4.54 5.03
N SER A 28 -20.12 5.16 5.70
N SER A 28 -20.13 5.24 5.65
CA SER A 28 -20.52 6.51 5.26
CA SER A 28 -20.56 6.57 5.21
C SER A 28 -20.76 7.42 6.46
C SER A 28 -20.77 7.48 6.43
N PRO A 29 -19.69 7.80 7.14
CA PRO A 29 -19.85 8.58 8.36
C PRO A 29 -20.21 10.03 8.09
N ARG A 30 -20.95 10.61 9.04
CA ARG A 30 -21.30 12.02 9.03
C ARG A 30 -20.52 12.70 10.15
N LEU A 31 -19.64 13.62 9.77
CA LEU A 31 -18.67 14.21 10.67
C LEU A 31 -18.78 15.71 10.58
N ASP A 32 -18.73 16.38 11.74
CA ASP A 32 -18.54 17.83 11.78
C ASP A 32 -17.06 18.15 11.71
N VAL A 33 -16.67 19.00 10.76
CA VAL A 33 -15.26 19.32 10.55
C VAL A 33 -15.09 20.80 10.25
N ALA A 34 -13.87 21.27 10.45
CA ALA A 34 -13.45 22.62 10.10
C ALA A 34 -12.23 22.54 9.19
N LEU A 35 -12.10 23.50 8.29
CA LEU A 35 -10.98 23.54 7.35
C LEU A 35 -10.20 24.81 7.62
N ASP A 36 -8.93 24.67 8.01
CA ASP A 36 -8.16 25.84 8.38
C ASP A 36 -7.41 26.36 7.17
N GLU A 37 -6.66 27.44 7.40
CA GLU A 37 -6.04 28.16 6.30
C GLU A 37 -4.97 27.34 5.61
N SER A 38 -4.40 26.34 6.29
CA SER A 38 -3.37 25.49 5.72
C SER A 38 -3.93 24.29 4.96
N GLY A 39 -5.24 24.25 4.77
CA GLY A 39 -5.85 23.16 4.06
C GLY A 39 -6.06 21.92 4.90
N ASP A 40 -5.90 22.02 6.22
CA ASP A 40 -6.05 20.87 7.10
C ASP A 40 -7.47 20.81 7.65
N PHE A 41 -8.11 19.65 7.47
CA PHE A 41 -9.39 19.37 8.14
C PHE A 41 -9.16 18.91 9.57
N SER A 42 -10.04 19.32 10.47
CA SER A 42 -10.02 18.87 11.85
C SER A 42 -11.45 18.60 12.31
N LEU A 43 -11.60 17.72 13.29
CA LEU A 43 -12.92 17.47 13.85
C LEU A 43 -13.38 18.63 14.72
N VAL A 44 -14.69 18.83 14.76
CA VAL A 44 -15.31 19.83 15.61
C VAL A 44 -16.39 19.19 16.46
N GLU A 45 -16.48 19.63 17.70
CA GLU A 45 -17.53 19.22 18.63
C GLU A 45 -18.29 20.44 19.14
N THR B 17 0.13 13.55 -22.63
CA THR B 17 -0.96 14.51 -22.74
C THR B 17 -2.30 13.80 -22.86
N THR B 18 -2.25 12.47 -23.08
CA THR B 18 -3.44 11.65 -23.20
C THR B 18 -4.29 11.72 -21.94
N ASP B 19 -5.61 11.87 -22.14
CA ASP B 19 -6.54 11.71 -21.03
C ASP B 19 -6.23 10.44 -20.26
N GLY B 20 -6.30 10.51 -18.94
CA GLY B 20 -6.11 9.30 -18.16
C GLY B 20 -5.76 9.60 -16.72
N VAL B 21 -5.61 8.54 -15.95
CA VAL B 21 -5.09 8.66 -14.59
C VAL B 21 -3.61 8.30 -14.65
N TYR B 22 -2.78 9.07 -13.93
CA TYR B 22 -1.32 8.96 -13.97
C TYR B 22 -0.75 8.83 -12.56
N ARG B 23 0.32 8.03 -12.43
CA ARG B 23 1.18 8.07 -11.26
C ARG B 23 2.10 9.28 -11.31
N VAL B 24 2.34 9.86 -10.14
CA VAL B 24 3.34 10.90 -9.92
C VAL B 24 4.48 10.25 -9.14
N MET B 25 5.66 10.26 -9.75
CA MET B 25 6.84 9.57 -9.26
C MET B 25 7.94 10.58 -8.99
N THR B 26 8.86 10.17 -8.12
CA THR B 26 10.03 10.96 -7.77
C THR B 26 11.26 10.07 -7.70
N ARG B 27 12.41 10.66 -8.05
CA ARG B 27 13.74 10.10 -7.76
C ARG B 27 14.55 11.09 -6.92
N LEU B 30 18.47 7.91 -5.83
CA LEU B 30 18.65 6.49 -6.16
C LEU B 30 17.42 5.93 -6.90
N GLY B 31 16.61 5.13 -6.20
CA GLY B 31 15.44 4.52 -6.82
C GLY B 31 14.25 5.46 -6.92
N SER B 32 13.14 4.93 -7.43
CA SER B 32 11.93 5.69 -7.62
C SER B 32 10.90 5.35 -6.56
N THR B 33 10.05 6.31 -6.27
CA THR B 33 8.97 6.18 -5.30
C THR B 33 7.76 6.89 -5.87
N GLN B 34 6.56 6.34 -5.64
CA GLN B 34 5.33 6.99 -6.07
C GLN B 34 4.86 7.91 -4.95
N VAL B 35 4.78 9.21 -5.23
CA VAL B 35 4.31 10.15 -4.22
C VAL B 35 2.82 10.50 -4.38
N GLY B 36 2.22 10.21 -5.52
CA GLY B 36 0.80 10.47 -5.65
C GLY B 36 0.31 10.08 -7.02
N VAL B 37 -0.81 10.71 -7.40
CA VAL B 37 -1.62 10.33 -8.56
C VAL B 37 -2.24 11.63 -9.08
N GLY B 38 -2.60 11.64 -10.36
CA GLY B 38 -3.32 12.78 -10.89
C GLY B 38 -4.13 12.41 -12.12
N VAL B 39 -4.88 13.39 -12.60
CA VAL B 39 -5.84 13.23 -13.71
C VAL B 39 -5.45 14.18 -14.83
N MET B 40 -5.28 13.62 -16.03
CA MET B 40 -5.15 14.41 -17.26
C MET B 40 -6.51 14.48 -17.93
N GLN B 41 -7.00 15.69 -18.16
CA GLN B 41 -8.24 15.90 -18.90
C GLN B 41 -8.15 17.22 -19.62
N GLU B 42 -8.52 17.24 -20.90
CA GLU B 42 -8.54 18.46 -21.68
C GLU B 42 -7.18 19.17 -21.68
N GLY B 43 -6.11 18.37 -21.71
CA GLY B 43 -4.78 18.92 -21.80
C GLY B 43 -4.22 19.48 -20.51
N VAL B 44 -4.90 19.27 -19.39
CA VAL B 44 -4.54 19.82 -18.10
C VAL B 44 -4.34 18.67 -17.12
N PHE B 45 -3.26 18.75 -16.34
CA PHE B 45 -3.00 17.75 -15.32
C PHE B 45 -3.43 18.28 -13.95
N HIS B 46 -4.24 17.49 -13.26
CA HIS B 46 -4.84 17.82 -11.99
C HIS B 46 -4.31 16.90 -10.88
N THR B 47 -3.82 17.50 -9.79
CA THR B 47 -3.40 16.69 -8.64
C THR B 47 -3.56 17.52 -7.37
N MET B 48 -3.12 16.96 -6.24
CA MET B 48 -3.23 17.64 -4.96
C MET B 48 -1.94 18.38 -4.65
N TRP B 49 -2.08 19.58 -4.08
CA TRP B 49 -0.92 20.39 -3.77
C TRP B 49 0.09 19.62 -2.92
N HIS B 50 -0.41 18.87 -1.92
CA HIS B 50 0.55 18.22 -1.02
C HIS B 50 1.35 17.14 -1.71
N VAL B 51 0.96 16.72 -2.91
CA VAL B 51 1.68 15.70 -3.64
C VAL B 51 2.92 16.29 -4.29
N THR B 52 2.77 17.43 -4.96
CA THR B 52 3.86 18.01 -5.74
C THR B 52 4.42 19.30 -5.15
N LYS B 53 3.69 19.93 -4.23
CA LYS B 53 4.03 21.26 -3.70
C LYS B 53 4.19 22.27 -4.82
N GLY B 54 3.56 22.01 -5.97
CA GLY B 54 3.56 22.90 -7.09
C GLY B 54 4.78 22.80 -7.98
N ALA B 55 5.66 21.85 -7.74
CA ALA B 55 6.84 21.72 -8.58
C ALA B 55 6.48 21.31 -10.00
N ALA B 56 7.34 21.69 -10.95
CA ALA B 56 7.16 21.24 -12.31
C ALA B 56 7.31 19.71 -12.40
N LEU B 57 6.67 19.16 -13.43
CA LEU B 57 6.62 17.73 -13.66
C LEU B 57 7.17 17.39 -15.04
N ARG B 58 7.86 16.27 -15.11
CA ARG B 58 8.32 15.74 -16.37
C ARG B 58 7.30 14.77 -16.90
N SER B 59 7.08 14.79 -18.21
CA SER B 59 6.24 13.80 -18.90
C SER B 59 6.99 13.36 -20.15
N GLY B 60 7.71 12.25 -20.03
CA GLY B 60 8.53 11.82 -21.14
C GLY B 60 9.65 12.82 -21.30
N GLU B 61 9.80 13.37 -22.51
CA GLU B 61 10.80 14.41 -22.76
C GLU B 61 10.26 15.82 -22.54
N GLY B 62 8.96 15.97 -22.28
CA GLY B 62 8.37 17.27 -22.10
C GLY B 62 8.26 17.67 -20.64
N ARG B 63 7.91 18.94 -20.42
CA ARG B 63 7.77 19.49 -19.08
C ARG B 63 6.37 20.09 -18.93
N LEU B 64 5.74 19.82 -17.77
CA LEU B 64 4.46 20.40 -17.41
C LEU B 64 4.70 21.44 -16.32
N ASP B 65 4.30 22.69 -16.61
CA ASP B 65 4.46 23.76 -15.64
C ASP B 65 3.16 24.04 -14.90
N PRO B 66 3.27 24.34 -13.61
CA PRO B 66 2.07 24.67 -12.84
C PRO B 66 1.45 25.96 -13.34
N TYR B 67 0.11 25.99 -13.28
CA TYR B 67 -0.70 27.07 -13.83
C TYR B 67 -1.56 27.73 -12.78
N TRP B 68 -2.13 26.94 -11.89
CA TRP B 68 -2.97 27.42 -10.80
C TRP B 68 -2.78 26.50 -9.61
N GLY B 69 -2.80 27.06 -8.41
CA GLY B 69 -2.85 26.22 -7.23
C GLY B 69 -3.33 26.97 -6.01
N ASP B 70 -3.75 26.19 -5.00
CA ASP B 70 -4.30 26.77 -3.79
C ASP B 70 -4.09 25.81 -2.64
N VAL B 71 -3.32 26.23 -1.64
CA VAL B 71 -2.99 25.39 -0.49
C VAL B 71 -4.24 25.03 0.31
N LYS B 72 -5.19 25.98 0.46
CA LYS B 72 -6.35 25.66 1.28
C LYS B 72 -7.24 24.60 0.66
N GLN B 73 -7.41 24.64 -0.67
CA GLN B 73 -8.14 23.58 -1.35
C GLN B 73 -7.29 22.33 -1.52
N ASP B 74 -5.96 22.45 -1.35
CA ASP B 74 -5.00 21.38 -1.56
C ASP B 74 -5.02 20.86 -2.99
N LEU B 75 -5.09 21.78 -3.96
CA LEU B 75 -5.16 21.43 -5.37
C LEU B 75 -4.18 22.25 -6.21
N VAL B 76 -3.79 21.65 -7.35
CA VAL B 76 -2.89 22.28 -8.30
CA VAL B 76 -2.89 22.28 -8.32
C VAL B 76 -3.23 21.75 -9.70
N SER B 77 -3.18 22.63 -10.69
CA SER B 77 -3.32 22.25 -12.09
C SER B 77 -2.10 22.69 -12.89
N TYR B 78 -1.81 21.94 -13.93
CA TYR B 78 -0.67 22.11 -14.80
C TYR B 78 -1.15 22.30 -16.23
N CYS B 79 -0.54 23.25 -16.94
CA CYS B 79 -0.71 23.49 -18.37
C CYS B 79 -1.96 24.29 -18.68
N GLY B 80 -2.81 24.52 -17.72
CA GLY B 80 -4.02 25.26 -17.94
C GLY B 80 -4.84 25.29 -16.68
N PRO B 81 -6.02 25.91 -16.72
CA PRO B 81 -6.85 26.03 -15.53
C PRO B 81 -7.55 24.71 -15.19
N TRP B 82 -7.94 24.60 -13.93
CA TRP B 82 -8.67 23.44 -13.44
C TRP B 82 -9.92 23.18 -14.28
N LYS B 83 -10.05 21.93 -14.78
CA LYS B 83 -11.10 21.57 -15.72
C LYS B 83 -12.21 20.72 -15.12
N LEU B 84 -11.99 20.13 -13.95
CA LEU B 84 -12.95 19.17 -13.43
C LEU B 84 -14.03 19.89 -12.64
N ASP B 85 -15.30 19.63 -12.97
CA ASP B 85 -16.35 20.34 -12.26
C ASP B 85 -17.54 19.50 -11.82
N ALA B 86 -17.59 18.20 -12.14
CA ALA B 86 -18.68 17.37 -11.66
C ALA B 86 -18.67 17.28 -10.13
N ALA B 87 -19.85 17.09 -9.53
CA ALA B 87 -20.00 17.02 -8.08
C ALA B 87 -20.84 15.80 -7.68
N TRP B 88 -20.52 15.22 -6.51
CA TRP B 88 -21.34 14.16 -5.94
C TRP B 88 -22.80 14.62 -5.84
N ASP B 89 -23.72 13.71 -6.15
CA ASP B 89 -25.17 14.02 -6.13
C ASP B 89 -25.77 13.89 -4.73
N GLY B 90 -24.96 13.49 -3.74
CA GLY B 90 -25.41 13.36 -2.37
C GLY B 90 -26.20 12.12 -2.03
N LEU B 91 -26.46 11.23 -2.99
CA LEU B 91 -27.27 10.04 -2.74
C LEU B 91 -26.63 8.75 -3.24
N SER B 92 -25.88 8.83 -4.35
CA SER B 92 -25.45 7.66 -5.09
C SER B 92 -24.08 7.18 -4.69
N GLU B 93 -23.85 5.89 -4.89
CA GLU B 93 -22.51 5.39 -4.70
C GLU B 93 -21.57 5.96 -5.76
N VAL B 94 -20.28 5.97 -5.43
CA VAL B 94 -19.22 6.52 -6.25
C VAL B 94 -18.14 5.46 -6.33
N GLN B 95 -17.14 5.68 -7.17
CA GLN B 95 -15.99 4.78 -7.23
C GLN B 95 -14.70 5.56 -7.08
N LEU B 96 -13.86 5.12 -6.14
CA LEU B 96 -12.49 5.59 -6.08
C LEU B 96 -11.68 4.78 -7.09
N LEU B 97 -11.11 5.46 -8.07
CA LEU B 97 -10.18 4.83 -9.02
C LEU B 97 -8.78 4.94 -8.42
N ALA B 98 -8.50 4.01 -7.52
CA ALA B 98 -7.25 4.02 -6.76
C ALA B 98 -6.09 3.55 -7.61
N VAL B 99 -4.97 4.28 -7.56
CA VAL B 99 -3.73 3.83 -8.19
C VAL B 99 -2.65 3.71 -7.12
N PRO B 100 -2.66 2.63 -6.35
CA PRO B 100 -1.68 2.50 -5.28
C PRO B 100 -0.29 2.27 -5.84
N PRO B 101 0.76 2.64 -5.09
CA PRO B 101 2.12 2.28 -5.48
C PRO B 101 2.26 0.79 -5.76
N GLY B 102 2.85 0.46 -6.90
CA GLY B 102 3.12 -0.92 -7.23
C GLY B 102 1.92 -1.76 -7.64
N GLU B 103 0.75 -1.17 -7.83
CA GLU B 103 -0.45 -1.93 -8.11
C GLU B 103 -1.19 -1.35 -9.30
N ARG B 104 -1.84 -2.24 -10.04
CA ARG B 104 -2.69 -1.82 -11.15
C ARG B 104 -3.82 -0.91 -10.66
N ALA B 105 -4.16 0.09 -11.48
CA ALA B 105 -5.33 0.92 -11.19
C ALA B 105 -6.53 0.03 -10.91
N LYS B 106 -7.29 0.34 -9.86
CA LYS B 106 -8.43 -0.49 -9.49
C LYS B 106 -9.57 0.38 -8.98
N ASN B 107 -10.80 -0.06 -9.21
CA ASN B 107 -11.97 0.69 -8.80
C ASN B 107 -12.54 0.14 -7.51
N ILE B 108 -12.82 1.04 -6.56
CA ILE B 108 -13.40 0.71 -5.27
C ILE B 108 -14.70 1.49 -5.15
N GLN B 109 -15.82 0.79 -5.04
CA GLN B 109 -17.11 1.44 -4.99
C GLN B 109 -17.53 1.64 -3.53
N THR B 110 -18.18 2.79 -3.25
CA THR B 110 -18.55 3.10 -1.88
C THR B 110 -19.67 4.13 -1.91
N LEU B 111 -20.46 4.17 -0.82
CA LEU B 111 -21.37 5.28 -0.58
C LEU B 111 -20.66 6.32 0.29
N PRO B 112 -20.44 7.55 -0.21
CA PRO B 112 -19.77 8.56 0.63
C PRO B 112 -20.56 8.91 1.88
N GLY B 113 -19.83 9.22 2.96
CA GLY B 113 -20.37 9.97 4.09
C GLY B 113 -20.26 11.46 3.78
N ILE B 114 -20.31 12.28 4.83
CA ILE B 114 -20.42 13.73 4.65
C ILE B 114 -19.49 14.42 5.64
N PHE B 115 -18.72 15.40 5.15
CA PHE B 115 -18.10 16.40 6.01
C PHE B 115 -19.07 17.58 6.12
N LYS B 116 -19.58 17.85 7.32
CA LYS B 116 -20.44 19.02 7.56
C LYS B 116 -19.55 20.19 8.03
N THR B 117 -19.55 21.27 7.28
CA THR B 117 -18.72 22.42 7.60
C THR B 117 -19.58 23.68 7.63
N LYS B 118 -19.05 24.72 8.27
CA LYS B 118 -19.78 25.98 8.37
C LYS B 118 -20.12 26.55 7.00
N ASP B 119 -19.38 26.14 5.98
CA ASP B 119 -19.52 26.63 4.63
C ASP B 119 -20.31 25.69 3.73
N GLY B 120 -20.83 24.59 4.28
CA GLY B 120 -21.58 23.60 3.54
C GLY B 120 -21.00 22.22 3.69
N ASP B 121 -21.69 21.25 3.08
CA ASP B 121 -21.36 19.85 3.19
C ASP B 121 -20.51 19.40 2.00
N ILE B 122 -19.59 18.49 2.29
CA ILE B 122 -18.66 17.92 1.31
C ILE B 122 -18.80 16.41 1.42
N GLY B 123 -18.86 15.72 0.28
CA GLY B 123 -18.82 14.28 0.32
C GLY B 123 -17.48 13.79 0.85
N ALA B 124 -17.50 12.62 1.47
CA ALA B 124 -16.28 12.05 2.03
C ALA B 124 -16.30 10.54 1.91
N VAL B 125 -15.15 9.94 1.62
CA VAL B 125 -15.07 8.49 1.47
C VAL B 125 -14.21 7.87 2.56
N ALA B 126 -14.76 6.83 3.21
CA ALA B 126 -14.12 6.20 4.36
C ALA B 126 -13.27 5.02 3.91
N LEU B 127 -12.25 5.37 3.13
CA LEU B 127 -11.33 4.44 2.52
C LEU B 127 -9.91 4.86 2.84
N ASP B 128 -9.06 3.88 3.17
CA ASP B 128 -7.73 4.12 3.72
C ASP B 128 -6.70 3.38 2.87
N TYR B 129 -6.10 4.08 1.88
CA TYR B 129 -5.09 3.53 0.98
C TYR B 129 -3.75 4.21 1.22
N PRO B 130 -2.66 3.63 0.74
CA PRO B 130 -1.33 4.21 1.02
C PRO B 130 -1.22 5.66 0.55
N ALA B 131 -0.31 6.41 1.20
CA ALA B 131 -0.25 7.86 0.92
C ALA B 131 0.00 8.18 -0.55
N GLY B 132 0.78 7.35 -1.26
CA GLY B 132 1.09 7.51 -2.67
C GLY B 132 -0.11 7.42 -3.58
N THR B 133 -1.28 7.09 -3.03
CA THR B 133 -2.56 7.07 -3.71
C THR B 133 -3.22 8.45 -3.73
N SER B 134 -2.69 9.43 -2.97
CA SER B 134 -3.25 10.79 -2.95
C SER B 134 -3.29 11.35 -4.37
N GLY B 135 -4.41 11.96 -4.74
CA GLY B 135 -4.63 12.43 -6.09
C GLY B 135 -5.44 11.50 -6.96
N SER B 136 -5.72 10.29 -6.47
CA SER B 136 -6.57 9.37 -7.23
C SER B 136 -7.96 9.96 -7.40
N PRO B 137 -8.57 9.84 -8.58
CA PRO B 137 -9.89 10.43 -8.82
C PRO B 137 -11.00 9.60 -8.23
N ILE B 138 -12.04 10.31 -7.83
CA ILE B 138 -13.31 9.72 -7.41
C ILE B 138 -14.32 10.03 -8.51
N LEU B 139 -15.07 9.01 -8.90
CA LEU B 139 -15.90 9.05 -10.10
C LEU B 139 -17.38 8.85 -9.77
N ASP B 140 -18.24 9.53 -10.51
CA ASP B 140 -19.67 9.24 -10.44
C ASP B 140 -20.00 8.17 -11.47
N LYS B 141 -21.29 7.81 -11.52
CA LYS B 141 -21.73 6.70 -12.35
C LYS B 141 -21.52 6.96 -13.84
N SER B 142 -21.50 8.22 -14.27
CA SER B 142 -21.24 8.52 -15.67
C SER B 142 -19.77 8.58 -16.01
N GLY B 143 -18.89 8.31 -15.05
CA GLY B 143 -17.47 8.30 -15.28
C GLY B 143 -16.80 9.64 -15.15
N ARG B 144 -17.52 10.66 -14.70
CA ARG B 144 -16.95 12.00 -14.51
C ARG B 144 -16.21 12.06 -13.18
N VAL B 145 -15.09 12.80 -13.14
CA VAL B 145 -14.32 12.97 -11.92
C VAL B 145 -15.04 14.00 -11.04
N ILE B 146 -15.54 13.57 -9.88
CA ILE B 146 -16.21 14.43 -8.92
C ILE B 146 -15.25 14.96 -7.84
N GLY B 147 -14.00 14.54 -7.85
CA GLY B 147 -13.01 15.12 -6.94
C GLY B 147 -11.82 14.17 -6.83
N LEU B 148 -10.86 14.58 -6.02
CA LEU B 148 -9.65 13.79 -5.79
C LEU B 148 -9.54 13.36 -4.34
N TYR B 149 -8.89 12.19 -4.17
CA TYR B 149 -8.71 11.51 -2.88
C TYR B 149 -7.40 11.92 -2.22
N GLY B 150 -7.46 12.16 -0.91
CA GLY B 150 -6.24 12.26 -0.14
C GLY B 150 -6.05 13.47 0.75
N ASN B 151 -7.10 14.28 0.93
CA ASN B 151 -7.09 15.28 1.99
C ASN B 151 -8.28 15.00 2.89
N GLY B 152 -8.00 14.79 4.18
CA GLY B 152 -9.07 14.35 5.08
C GLY B 152 -8.75 14.43 6.55
N VAL B 153 -9.36 13.53 7.33
CA VAL B 153 -9.31 13.59 8.78
C VAL B 153 -9.35 12.16 9.31
N VAL B 154 -8.88 11.98 10.54
CA VAL B 154 -8.88 10.68 11.22
C VAL B 154 -9.98 10.68 12.27
N ILE B 155 -10.77 9.61 12.28
CA ILE B 155 -11.73 9.34 13.33
C ILE B 155 -11.12 8.30 14.28
N LYS B 156 -11.96 7.58 15.02
CA LYS B 156 -11.45 6.73 16.10
C LYS B 156 -10.99 5.37 15.57
N ASN B 157 -9.89 4.88 16.16
CA ASN B 157 -9.17 3.68 15.72
C ASN B 157 -8.36 3.91 14.44
N GLY B 158 -7.81 5.11 14.29
CA GLY B 158 -6.96 5.39 13.17
C GLY B 158 -7.63 5.24 11.82
N SER B 159 -8.95 5.35 11.77
CA SER B 159 -9.63 5.27 10.47
C SER B 159 -9.60 6.61 9.77
N TYR B 160 -9.00 6.62 8.60
CA TYR B 160 -8.93 7.82 7.76
C TYR B 160 -10.19 7.95 6.94
N VAL B 161 -10.61 9.19 6.76
CA VAL B 161 -11.73 9.55 5.89
C VAL B 161 -11.31 10.72 5.03
N SER B 162 -11.44 10.57 3.71
CA SER B 162 -10.98 11.57 2.75
C SER B 162 -12.15 12.42 2.28
N ALA B 163 -11.96 13.74 2.28
CA ALA B 163 -12.88 14.56 1.54
C ALA B 163 -12.89 14.16 0.07
N ILE B 164 -14.03 14.38 -0.59
CA ILE B 164 -14.05 14.39 -2.06
C ILE B 164 -13.72 15.82 -2.47
N THR B 165 -12.45 16.09 -2.80
CA THR B 165 -11.95 17.43 -3.02
C THR B 165 -12.08 17.79 -4.50
N GLN B 166 -12.91 18.79 -4.78
CA GLN B 166 -13.15 19.26 -6.14
C GLN B 166 -12.79 20.74 -6.26
N GLY B 167 -12.25 21.12 -7.40
CA GLY B 167 -11.91 22.50 -7.68
C GLY B 167 -13.06 23.23 -8.36
N LYS B 168 -12.74 24.39 -8.89
CA LYS B 168 -13.72 25.22 -9.60
C LYS B 168 -13.27 25.42 -11.03
N ARG B 169 -14.17 25.16 -11.95
CA ARG B 169 -13.94 25.42 -13.36
C ARG B 169 -14.61 26.72 -13.75
N VAL C 6 13.11 -23.49 -11.68
CA VAL C 6 12.44 -23.86 -12.92
C VAL C 6 11.67 -22.66 -13.48
N ASP C 7 10.60 -22.29 -12.78
CA ASP C 7 9.76 -21.16 -13.16
C ASP C 7 10.08 -19.89 -12.37
N MET C 8 10.71 -20.01 -11.20
CA MET C 8 10.97 -18.88 -10.32
C MET C 8 12.45 -18.84 -9.97
N TYR C 9 12.98 -17.64 -9.73
CA TYR C 9 14.37 -17.48 -9.29
C TYR C 9 14.45 -16.39 -8.24
N ILE C 10 15.54 -16.39 -7.49
CA ILE C 10 15.74 -15.38 -6.43
C ILE C 10 16.89 -14.45 -6.81
N GLU C 11 16.78 -13.19 -6.38
CA GLU C 11 17.86 -12.23 -6.59
C GLU C 11 17.97 -11.31 -5.39
N ARG C 12 19.21 -10.98 -5.05
CA ARG C 12 19.47 -10.25 -3.81
C ARG C 12 18.81 -8.88 -3.85
N ALA C 13 18.25 -8.48 -2.70
CA ALA C 13 17.68 -7.16 -2.52
C ALA C 13 18.28 -6.35 -1.37
N GLY C 14 19.05 -6.95 -0.47
CA GLY C 14 19.70 -6.15 0.55
C GLY C 14 20.22 -6.99 1.70
N ASP C 15 20.95 -6.33 2.59
CA ASP C 15 21.28 -6.89 3.90
C ASP C 15 20.05 -6.77 4.81
N ILE C 16 20.00 -7.57 5.85
CA ILE C 16 18.92 -7.47 6.86
C ILE C 16 19.46 -6.70 8.07
N THR C 17 19.01 -5.45 8.24
CA THR C 17 19.43 -4.60 9.34
C THR C 17 18.27 -3.72 9.78
N TRP C 18 18.29 -3.40 11.07
CA TRP C 18 17.48 -2.33 11.61
C TRP C 18 18.02 -0.98 11.18
N GLU C 19 17.13 -0.02 10.91
CA GLU C 19 17.56 1.30 10.46
C GLU C 19 17.19 2.32 11.53
N LYS C 20 18.19 3.00 12.10
CA LYS C 20 17.95 3.86 13.26
C LYS C 20 17.00 5.01 12.93
N ASP C 21 17.09 5.58 11.74
CA ASP C 21 16.22 6.73 11.51
C ASP C 21 15.10 6.39 10.55
N ALA C 22 14.45 5.24 10.77
CA ALA C 22 13.32 4.85 9.96
C ALA C 22 12.08 5.62 10.38
N GLU C 23 11.20 5.83 9.41
CA GLU C 23 9.92 6.47 9.68
C GLU C 23 9.03 5.50 10.45
N VAL C 24 8.29 6.04 11.43
CA VAL C 24 7.28 5.30 12.19
C VAL C 24 5.91 5.61 11.60
N THR C 25 5.13 4.58 11.37
CA THR C 25 3.76 4.73 10.86
C THR C 25 2.94 3.49 11.19
N GLY C 26 1.65 3.58 10.95
CA GLY C 26 0.71 2.51 11.19
C GLY C 26 0.14 2.56 12.59
N ASN C 27 -1.07 2.04 12.73
CA ASN C 27 -1.70 1.92 14.04
C ASN C 27 -1.45 0.51 14.58
N SER C 28 -2.19 0.13 15.63
CA SER C 28 -1.91 -1.10 16.39
C SER C 28 -3.24 -1.77 16.72
N PRO C 29 -3.96 -2.22 15.71
CA PRO C 29 -5.32 -2.73 15.94
C PRO C 29 -5.31 -4.05 16.68
N ARG C 30 -6.35 -4.25 17.47
CA ARG C 30 -6.60 -5.53 18.13
C ARG C 30 -7.83 -6.14 17.45
N LEU C 31 -7.62 -7.20 16.67
CA LEU C 31 -8.62 -7.77 15.79
C LEU C 31 -8.90 -9.22 16.16
N ASP C 32 -10.17 -9.57 16.29
CA ASP C 32 -10.60 -10.96 16.36
C ASP C 32 -10.56 -11.58 14.98
N VAL C 33 -9.78 -12.65 14.81
CA VAL C 33 -9.64 -13.32 13.52
C VAL C 33 -9.70 -14.83 13.69
N ALA C 34 -9.99 -15.50 12.59
CA ALA C 34 -9.95 -16.95 12.50
C ALA C 34 -8.97 -17.36 11.41
N LEU C 35 -8.33 -18.51 11.58
CA LEU C 35 -7.36 -19.04 10.64
C LEU C 35 -7.88 -20.37 10.13
N ASP C 36 -8.17 -20.46 8.85
CA ASP C 36 -8.77 -21.71 8.36
C ASP C 36 -7.68 -22.71 7.96
N GLU C 37 -8.11 -23.94 7.67
CA GLU C 37 -7.14 -25.00 7.40
C GLU C 37 -6.31 -24.73 6.14
N SER C 38 -6.75 -23.79 5.30
CA SER C 38 -6.00 -23.38 4.11
C SER C 38 -4.98 -22.29 4.40
N GLY C 39 -4.86 -21.87 5.66
CA GLY C 39 -3.91 -20.83 5.99
C GLY C 39 -4.40 -19.42 5.71
N ASP C 40 -5.71 -19.23 5.55
CA ASP C 40 -6.28 -17.91 5.33
C ASP C 40 -6.87 -17.35 6.60
N PHE C 41 -6.57 -16.07 6.87
CA PHE C 41 -7.18 -15.33 7.96
C PHE C 41 -8.47 -14.66 7.47
N SER C 42 -9.44 -14.59 8.38
CA SER C 42 -10.66 -13.82 8.15
C SER C 42 -11.05 -13.09 9.44
N LEU C 43 -11.82 -12.02 9.29
CA LEU C 43 -12.37 -11.31 10.44
C LEU C 43 -13.54 -12.06 11.01
N VAL C 44 -13.60 -12.14 12.32
CA VAL C 44 -14.74 -12.77 12.96
C VAL C 44 -15.85 -11.74 13.11
N GLU C 45 -17.07 -12.18 12.86
CA GLU C 45 -18.23 -11.30 12.76
C GLU C 45 -18.69 -10.82 14.14
N LYS D 13 35.41 -18.10 0.34
CA LYS D 13 35.93 -18.71 1.57
C LYS D 13 34.97 -19.80 2.07
N LYS D 14 35.54 -20.88 2.62
CA LYS D 14 34.71 -21.96 3.14
C LYS D 14 33.87 -21.47 4.32
N GLY D 15 32.54 -21.65 4.20
CA GLY D 15 31.58 -21.19 5.17
C GLY D 15 30.90 -19.89 4.87
N GLU D 16 31.27 -19.22 3.77
CA GLU D 16 30.70 -17.91 3.44
C GLU D 16 29.36 -18.08 2.74
N THR D 17 28.27 -18.03 3.52
CA THR D 17 26.92 -18.13 2.97
C THR D 17 26.39 -16.74 2.61
N THR D 18 25.32 -16.73 1.84
CA THR D 18 24.82 -15.55 1.13
C THR D 18 23.63 -14.90 1.84
N ASP D 19 23.79 -14.60 3.14
CA ASP D 19 22.69 -14.07 3.94
C ASP D 19 22.16 -12.78 3.33
N GLY D 20 20.86 -12.57 3.47
CA GLY D 20 20.25 -11.34 3.02
C GLY D 20 18.77 -11.53 2.73
N VAL D 21 18.15 -10.44 2.26
CA VAL D 21 16.79 -10.48 1.77
C VAL D 21 16.81 -10.55 0.25
N TYR D 22 15.89 -11.33 -0.32
CA TYR D 22 15.88 -11.63 -1.73
C TYR D 22 14.47 -11.45 -2.31
N ARG D 23 14.43 -11.01 -3.55
CA ARG D 23 13.20 -11.00 -4.35
C ARG D 23 12.97 -12.37 -4.97
N VAL D 24 11.70 -12.80 -5.01
CA VAL D 24 11.28 -14.01 -5.71
C VAL D 24 10.60 -13.58 -7.01
N MET D 25 11.22 -13.95 -8.13
CA MET D 25 10.84 -13.47 -9.44
C MET D 25 10.40 -14.61 -10.34
N THR D 26 9.47 -14.29 -11.25
CA THR D 26 9.15 -15.20 -12.33
C THR D 26 10.09 -14.94 -13.50
N ARG D 27 10.25 -15.94 -14.34
CA ARG D 27 11.15 -15.77 -15.48
C ARG D 27 10.45 -15.02 -16.61
N ARG D 28 11.25 -14.51 -17.55
CA ARG D 28 10.75 -13.60 -18.58
C ARG D 28 9.51 -14.12 -19.31
N LEU D 29 9.27 -15.45 -19.29
CA LEU D 29 8.07 -16.00 -19.91
C LEU D 29 6.79 -15.45 -19.29
N LEU D 30 6.84 -15.09 -18.00
CA LEU D 30 5.65 -14.73 -17.24
C LEU D 30 5.62 -13.25 -16.87
N GLY D 31 6.43 -12.44 -17.54
CA GLY D 31 6.48 -11.02 -17.30
C GLY D 31 7.65 -10.55 -16.46
N SER D 32 8.46 -11.47 -15.94
CA SER D 32 9.54 -11.14 -15.00
C SER D 32 8.98 -10.30 -13.87
N THR D 33 7.99 -10.89 -13.20
CA THR D 33 7.24 -10.24 -12.13
C THR D 33 7.84 -10.65 -10.78
N GLN D 34 7.84 -9.72 -9.83
CA GLN D 34 8.15 -10.08 -8.46
C GLN D 34 6.89 -10.61 -7.80
N VAL D 35 6.90 -11.90 -7.43
CA VAL D 35 5.77 -12.53 -6.74
C VAL D 35 5.96 -12.60 -5.23
N GLY D 36 7.18 -12.41 -4.74
CA GLY D 36 7.37 -12.29 -3.31
C GLY D 36 8.82 -12.04 -3.00
N VAL D 37 9.14 -12.40 -1.76
CA VAL D 37 10.37 -12.02 -1.07
C VAL D 37 10.71 -13.15 -0.11
N GLY D 38 11.98 -13.27 0.23
CA GLY D 38 12.36 -14.21 1.26
C GLY D 38 13.69 -13.87 1.93
N VAL D 39 14.03 -14.67 2.94
CA VAL D 39 15.18 -14.41 3.80
C VAL D 39 16.14 -15.58 3.65
N MET D 40 17.38 -15.28 3.27
CA MET D 40 18.45 -16.26 3.28
C MET D 40 19.20 -16.10 4.59
N GLN D 41 19.21 -17.15 5.41
CA GLN D 41 19.93 -17.08 6.66
C GLN D 41 20.43 -18.48 6.98
N GLU D 42 21.73 -18.56 7.28
CA GLU D 42 22.32 -19.81 7.72
C GLU D 42 22.15 -20.90 6.67
N GLY D 43 22.23 -20.51 5.41
CA GLY D 43 22.17 -21.44 4.30
C GLY D 43 20.78 -21.89 3.91
N VAL D 44 19.74 -21.33 4.52
CA VAL D 44 18.35 -21.72 4.31
C VAL D 44 17.57 -20.52 3.79
N PHE D 45 16.71 -20.77 2.79
CA PHE D 45 15.84 -19.73 2.26
C PHE D 45 14.44 -19.89 2.84
N HIS D 46 13.93 -18.80 3.39
CA HIS D 46 12.66 -18.75 4.12
C HIS D 46 11.68 -17.87 3.36
N THR D 47 10.52 -18.40 2.99
CA THR D 47 9.52 -17.53 2.38
C THR D 47 8.14 -18.02 2.78
N MET D 48 7.10 -17.39 2.25
CA MET D 48 5.76 -17.89 2.55
C MET D 48 5.23 -18.81 1.44
N TRP D 49 4.46 -19.80 1.87
CA TRP D 49 3.98 -20.83 0.94
C TRP D 49 3.21 -20.21 -0.20
N HIS D 50 2.38 -19.20 0.06
CA HIS D 50 1.54 -18.70 -1.02
C HIS D 50 2.35 -17.98 -2.10
N VAL D 51 3.62 -17.67 -1.83
CA VAL D 51 4.48 -17.06 -2.84
C VAL D 51 4.94 -18.10 -3.85
N THR D 52 5.54 -19.21 -3.39
CA THR D 52 6.13 -20.19 -4.29
C THR D 52 5.30 -21.47 -4.45
N LYS D 53 4.33 -21.68 -3.55
CA LYS D 53 3.59 -22.94 -3.46
C LYS D 53 4.53 -24.12 -3.26
N GLY D 54 5.69 -23.87 -2.67
CA GLY D 54 6.67 -24.92 -2.45
C GLY D 54 7.43 -25.39 -3.66
N ALA D 55 7.31 -24.70 -4.79
CA ALA D 55 8.06 -25.04 -5.99
C ALA D 55 9.55 -24.77 -5.84
N ALA D 56 10.34 -25.52 -6.61
CA ALA D 56 11.79 -25.30 -6.62
C ALA D 56 12.11 -23.91 -7.19
N LEU D 57 13.28 -23.39 -6.78
CA LEU D 57 13.72 -22.06 -7.13
C LEU D 57 15.11 -22.13 -7.75
N ARG D 58 15.37 -21.27 -8.72
CA ARG D 58 16.70 -21.14 -9.28
C ARG D 58 17.43 -20.04 -8.54
N SER D 59 18.72 -20.27 -8.27
CA SER D 59 19.58 -19.27 -7.61
C SER D 59 20.87 -19.22 -8.41
N GLY D 60 20.94 -18.27 -9.32
CA GLY D 60 22.03 -18.28 -10.28
C GLY D 60 21.99 -19.58 -11.04
N GLU D 61 23.09 -20.34 -10.97
CA GLU D 61 23.18 -21.62 -11.64
C GLU D 61 22.68 -22.78 -10.77
N GLY D 62 22.50 -22.56 -9.45
CA GLY D 62 22.03 -23.62 -8.57
C GLY D 62 20.51 -23.69 -8.45
N ARG D 63 20.02 -24.82 -7.94
CA ARG D 63 18.60 -24.99 -7.68
C ARG D 63 18.38 -25.16 -6.18
N LEU D 64 17.33 -24.50 -5.67
CA LEU D 64 16.93 -24.64 -4.27
C LEU D 64 15.69 -25.51 -4.19
N ASP D 65 15.78 -26.60 -3.42
CA ASP D 65 14.64 -27.50 -3.25
C ASP D 65 13.98 -27.29 -1.88
N PRO D 66 12.65 -27.43 -1.81
CA PRO D 66 12.00 -27.30 -0.51
C PRO D 66 12.44 -28.40 0.42
N TYR D 67 12.46 -28.06 1.70
CA TYR D 67 12.87 -28.92 2.78
C TYR D 67 11.77 -29.10 3.84
N TRP D 68 11.04 -28.04 4.16
CA TRP D 68 9.98 -28.10 5.15
C TRP D 68 8.93 -27.11 4.71
N GLY D 69 7.66 -27.43 4.95
CA GLY D 69 6.61 -26.45 4.71
C GLY D 69 5.31 -26.84 5.37
N ASP D 70 4.44 -25.83 5.57
CA ASP D 70 3.16 -26.05 6.24
C ASP D 70 2.19 -25.01 5.66
N VAL D 71 1.14 -25.48 4.99
CA VAL D 71 0.17 -24.60 4.31
C VAL D 71 -0.57 -23.73 5.31
N LYS D 72 -0.90 -24.28 6.47
CA LYS D 72 -1.69 -23.49 7.40
C LYS D 72 -0.88 -22.36 8.02
N GLN D 73 0.38 -22.63 8.33
CA GLN D 73 1.26 -21.56 8.78
C GLN D 73 1.64 -20.61 7.63
N ASP D 74 1.48 -21.08 6.40
CA ASP D 74 1.84 -20.35 5.18
C ASP D 74 3.34 -20.08 5.10
N LEU D 75 4.14 -21.11 5.39
CA LEU D 75 5.60 -21.00 5.40
C LEU D 75 6.27 -22.15 4.71
N VAL D 76 7.44 -21.88 4.14
CA VAL D 76 8.25 -22.92 3.52
CA VAL D 76 8.25 -22.91 3.51
C VAL D 76 9.72 -22.54 3.68
N SER D 77 10.57 -23.57 3.87
CA SER D 77 12.01 -23.39 3.87
C SER D 77 12.64 -24.26 2.80
N TYR D 78 13.75 -23.76 2.27
CA TYR D 78 14.53 -24.41 1.23
C TYR D 78 15.95 -24.66 1.72
N CYS D 79 16.49 -25.82 1.36
CA CYS D 79 17.87 -26.25 1.58
C CYS D 79 18.13 -26.71 2.99
N GLY D 80 17.20 -26.56 3.91
CA GLY D 80 17.41 -26.92 5.28
C GLY D 80 16.23 -26.51 6.12
N PRO D 81 16.30 -26.79 7.42
CA PRO D 81 15.15 -26.50 8.29
C PRO D 81 15.02 -25.02 8.59
N TRP D 82 13.80 -24.64 8.98
CA TRP D 82 13.51 -23.27 9.37
C TRP D 82 14.48 -22.80 10.46
N LYS D 83 15.14 -21.67 10.23
CA LYS D 83 16.18 -21.18 11.11
C LYS D 83 15.74 -20.00 11.98
N LEU D 84 14.62 -19.38 11.69
CA LEU D 84 14.30 -18.09 12.30
C LEU D 84 13.43 -18.33 13.53
N ASP D 85 13.92 -17.96 14.71
CA ASP D 85 13.13 -18.23 15.90
C ASP D 85 13.04 -17.05 16.86
N ALA D 86 13.47 -15.86 16.46
CA ALA D 86 13.20 -14.69 17.30
C ALA D 86 11.69 -14.45 17.36
N ALA D 87 11.22 -13.98 18.52
CA ALA D 87 9.81 -13.64 18.71
C ALA D 87 9.64 -12.17 19.04
N TRP D 88 8.54 -11.57 18.54
CA TRP D 88 8.14 -10.26 19.00
C TRP D 88 7.93 -10.31 20.50
N ASP D 89 8.48 -9.32 21.21
CA ASP D 89 8.41 -9.31 22.66
C ASP D 89 7.07 -8.81 23.18
N GLY D 90 6.15 -8.45 22.29
CA GLY D 90 4.84 -7.97 22.67
C GLY D 90 4.77 -6.55 23.20
N LEU D 91 5.88 -5.81 23.14
CA LEU D 91 6.00 -4.55 23.84
C LEU D 91 6.68 -3.50 22.96
N SER D 92 7.70 -3.89 22.22
CA SER D 92 8.55 -2.97 21.47
C SER D 92 8.09 -2.77 20.03
N GLU D 93 8.48 -1.61 19.48
CA GLU D 93 8.30 -1.36 18.04
C GLU D 93 9.20 -2.28 17.25
N VAL D 94 8.79 -2.56 16.01
CA VAL D 94 9.48 -3.46 15.12
C VAL D 94 9.65 -2.73 13.79
N GLN D 95 10.42 -3.32 12.87
CA GLN D 95 10.59 -2.76 11.54
C GLN D 95 10.27 -3.80 10.47
N LEU D 96 9.40 -3.42 9.55
CA LEU D 96 9.23 -4.16 8.30
C LEU D 96 10.34 -3.74 7.35
N LEU D 97 11.15 -4.71 6.92
CA LEU D 97 12.12 -4.45 5.86
C LEU D 97 11.39 -4.77 4.56
N ALA D 98 10.62 -3.80 4.08
CA ALA D 98 9.77 -4.01 2.93
C ALA D 98 10.61 -4.04 1.67
N VAL D 99 10.34 -5.04 0.83
CA VAL D 99 10.99 -5.12 -0.48
C VAL D 99 9.89 -5.09 -1.54
N PRO D 100 9.31 -3.92 -1.84
CA PRO D 100 8.24 -3.87 -2.81
C PRO D 100 8.72 -4.10 -4.22
N PRO D 101 7.90 -4.72 -5.08
CA PRO D 101 8.28 -4.85 -6.48
C PRO D 101 8.68 -3.50 -7.07
N GLY D 102 9.83 -3.48 -7.76
CA GLY D 102 10.27 -2.29 -8.46
C GLY D 102 10.84 -1.18 -7.60
N GLU D 103 11.00 -1.39 -6.31
CA GLU D 103 11.51 -0.37 -5.41
C GLU D 103 12.62 -0.95 -4.55
N ARG D 104 13.52 -0.07 -4.15
CA ARG D 104 14.60 -0.42 -3.24
C ARG D 104 14.02 -0.81 -1.88
N ALA D 105 14.66 -1.78 -1.23
CA ALA D 105 14.27 -2.17 0.12
C ALA D 105 14.34 -0.98 1.08
N LYS D 106 13.35 -0.89 1.97
CA LYS D 106 13.23 0.22 2.90
C LYS D 106 12.69 -0.28 4.22
N ASN D 107 13.13 0.35 5.30
CA ASN D 107 12.67 -0.02 6.63
C ASN D 107 11.52 0.89 7.07
N ILE D 108 10.46 0.26 7.60
CA ILE D 108 9.29 0.97 8.13
C ILE D 108 9.07 0.50 9.56
N GLN D 109 9.05 1.46 10.50
CA GLN D 109 8.94 1.16 11.91
C GLN D 109 7.49 1.27 12.35
N THR D 110 7.06 0.36 13.23
CA THR D 110 5.66 0.38 13.65
C THR D 110 5.53 -0.35 14.99
N LEU D 111 4.46 -0.03 15.72
CA LEU D 111 4.07 -0.84 16.87
C LEU D 111 2.99 -1.83 16.42
N PRO D 112 3.24 -3.12 16.51
CA PRO D 112 2.22 -4.09 16.10
C PRO D 112 0.95 -3.97 16.94
N GLY D 113 -0.17 -4.27 16.29
CA GLY D 113 -1.38 -4.67 16.99
C GLY D 113 -1.38 -6.17 17.18
N ILE D 114 -2.58 -6.75 17.32
CA ILE D 114 -2.76 -8.13 17.75
C ILE D 114 -3.87 -8.77 16.93
N PHE D 115 -3.60 -9.95 16.38
CA PHE D 115 -4.62 -10.89 15.93
C PHE D 115 -4.99 -11.77 17.11
N LYS D 116 -6.25 -11.72 17.53
CA LYS D 116 -6.73 -12.57 18.61
C LYS D 116 -7.47 -13.75 18.00
N THR D 117 -7.00 -14.97 18.29
CA THR D 117 -7.61 -16.18 17.77
C THR D 117 -7.96 -17.13 18.91
N LYS D 118 -8.74 -18.17 18.58
CA LYS D 118 -9.11 -19.16 19.58
C LYS D 118 -7.89 -19.89 20.16
N ASP D 119 -6.75 -19.85 19.48
CA ASP D 119 -5.55 -20.55 19.90
C ASP D 119 -4.45 -19.59 20.36
N GLY D 120 -4.79 -18.35 20.71
CA GLY D 120 -3.84 -17.42 21.26
C GLY D 120 -3.67 -16.22 20.36
N ASP D 121 -2.80 -15.31 20.80
CA ASP D 121 -2.61 -14.01 20.17
C ASP D 121 -1.32 -14.03 19.36
N ILE D 122 -1.35 -13.29 18.25
CA ILE D 122 -0.24 -13.15 17.31
C ILE D 122 -0.08 -11.67 17.07
N GLY D 123 1.16 -11.18 17.09
CA GLY D 123 1.41 -9.83 16.64
C GLY D 123 1.04 -9.63 15.18
N ALA D 124 0.67 -8.40 14.84
CA ALA D 124 0.23 -8.08 13.50
C ALA D 124 0.57 -6.62 13.18
N VAL D 125 0.99 -6.34 11.93
CA VAL D 125 1.41 -5.01 11.52
C VAL D 125 0.42 -4.43 10.52
N ALA D 126 -0.02 -3.19 10.79
CA ALA D 126 -0.98 -2.48 9.95
C ALA D 126 -0.21 -1.62 8.95
N LEU D 127 0.37 -2.31 7.98
CA LEU D 127 1.19 -1.75 6.92
C LEU D 127 0.71 -2.37 5.62
N ASP D 128 0.48 -1.55 4.60
CA ASP D 128 -0.18 -1.94 3.35
C ASP D 128 0.77 -1.81 2.16
N TYR D 129 1.28 -2.97 1.68
CA TYR D 129 2.16 -3.09 0.53
C TYR D 129 1.59 -4.07 -0.50
N PRO D 130 2.04 -3.98 -1.75
CA PRO D 130 1.53 -4.90 -2.78
C PRO D 130 1.84 -6.35 -2.47
N ALA D 131 1.05 -7.22 -3.10
CA ALA D 131 1.15 -8.66 -2.85
C ALA D 131 2.56 -9.18 -3.03
N GLY D 132 3.32 -8.64 -3.99
CA GLY D 132 4.68 -9.14 -4.22
C GLY D 132 5.68 -8.82 -3.14
N THR D 133 5.26 -8.05 -2.12
CA THR D 133 6.07 -7.77 -0.95
C THR D 133 6.00 -8.92 0.05
N SER D 134 5.09 -9.85 -0.17
CA SER D 134 4.92 -11.00 0.74
C SER D 134 6.24 -11.74 0.90
N GLY D 135 6.58 -12.05 2.17
CA GLY D 135 7.83 -12.69 2.54
C GLY D 135 8.88 -11.72 3.04
N SER D 136 8.61 -10.43 2.94
CA SER D 136 9.54 -9.46 3.51
C SER D 136 9.67 -9.66 5.02
N PRO D 137 10.87 -9.54 5.58
CA PRO D 137 11.06 -9.82 7.01
C PRO D 137 10.66 -8.66 7.90
N ILE D 138 10.16 -9.02 9.08
CA ILE D 138 9.89 -8.11 10.18
C ILE D 138 10.96 -8.33 11.23
N LEU D 139 11.51 -7.24 11.78
CA LEU D 139 12.74 -7.28 12.54
C LEU D 139 12.54 -6.70 13.94
N ASP D 140 13.28 -7.24 14.91
CA ASP D 140 13.38 -6.58 16.21
C ASP D 140 14.59 -5.64 16.23
N LYS D 141 14.77 -4.92 17.34
CA LYS D 141 15.80 -3.90 17.39
C LYS D 141 17.22 -4.45 17.25
N SER D 142 17.41 -5.74 17.53
CA SER D 142 18.71 -6.39 17.31
C SER D 142 18.93 -6.77 15.84
N GLY D 143 17.96 -6.55 14.97
CA GLY D 143 18.10 -6.96 13.61
C GLY D 143 17.69 -8.39 13.33
N ARG D 144 17.16 -9.11 14.32
CA ARG D 144 16.73 -10.50 14.12
C ARG D 144 15.35 -10.54 13.48
N VAL D 145 15.13 -11.56 12.65
CA VAL D 145 13.86 -11.68 11.94
C VAL D 145 12.85 -12.35 12.89
N ILE D 146 11.82 -11.59 13.28
CA ILE D 146 10.77 -12.13 14.17
C ILE D 146 9.57 -12.68 13.39
N GLY D 147 9.57 -12.55 12.07
CA GLY D 147 8.55 -13.18 11.24
C GLY D 147 8.58 -12.60 9.86
N LEU D 148 7.66 -13.10 9.01
CA LEU D 148 7.48 -12.64 7.65
C LEU D 148 6.12 -12.00 7.46
N TYR D 149 6.11 -10.98 6.62
CA TYR D 149 4.96 -10.16 6.24
C TYR D 149 4.23 -10.76 5.05
N GLY D 150 2.89 -10.77 5.11
CA GLY D 150 2.15 -11.09 3.93
C GLY D 150 0.99 -12.04 4.02
N ASN D 151 0.69 -12.56 5.23
CA ASN D 151 -0.51 -13.36 5.43
C ASN D 151 -1.35 -12.62 6.46
N GLY D 152 -2.53 -12.15 6.04
CA GLY D 152 -3.27 -11.20 6.83
C GLY D 152 -4.71 -11.08 6.38
N VAL D 153 -5.30 -9.93 6.68
CA VAL D 153 -6.70 -9.64 6.40
C VAL D 153 -6.86 -8.22 5.85
N VAL D 154 -7.83 -8.06 4.95
CA VAL D 154 -8.29 -6.74 4.52
C VAL D 154 -9.40 -6.29 5.43
N ILE D 155 -9.31 -5.05 5.90
CA ILE D 155 -10.31 -4.56 6.84
C ILE D 155 -11.26 -3.64 6.10
N LYS D 156 -12.24 -3.09 6.82
CA LYS D 156 -13.44 -2.55 6.19
C LYS D 156 -13.14 -1.29 5.39
N ASN D 157 -12.12 -0.53 5.79
CA ASN D 157 -11.79 0.70 5.09
C ASN D 157 -10.86 0.45 3.92
N GLY D 158 -10.63 -0.83 3.58
CA GLY D 158 -9.83 -1.20 2.44
C GLY D 158 -8.37 -1.45 2.72
N SER D 159 -7.88 -1.08 3.91
CA SER D 159 -6.47 -1.30 4.23
C SER D 159 -6.21 -2.74 4.63
N TYR D 160 -4.95 -3.02 4.93
CA TYR D 160 -4.48 -4.39 5.14
C TYR D 160 -3.69 -4.49 6.44
N VAL D 161 -3.88 -5.60 7.14
CA VAL D 161 -3.14 -5.92 8.34
C VAL D 161 -2.54 -7.31 8.18
N SER D 162 -1.22 -7.41 8.36
CA SER D 162 -0.50 -8.67 8.21
C SER D 162 -0.19 -9.29 9.57
N ALA D 163 -0.37 -10.60 9.70
CA ALA D 163 0.22 -11.30 10.82
C ALA D 163 1.74 -11.17 10.78
N ILE D 164 2.38 -11.23 11.95
CA ILE D 164 3.83 -11.47 12.05
C ILE D 164 3.98 -12.99 12.08
N THR D 165 4.21 -13.61 10.91
CA THR D 165 4.20 -15.07 10.80
C THR D 165 5.59 -15.62 11.03
N GLN D 166 5.74 -16.41 12.11
CA GLN D 166 7.03 -17.01 12.46
C GLN D 166 6.93 -18.52 12.51
N GLY D 167 8.02 -19.16 12.13
CA GLY D 167 8.13 -20.59 12.18
C GLY D 167 8.82 -21.06 13.44
N LYS D 168 9.06 -22.36 13.51
CA LYS D 168 9.72 -23.02 14.62
C LYS D 168 11.09 -23.50 14.17
N ARG D 169 12.10 -23.24 14.99
CA ARG D 169 13.44 -23.80 14.75
C ARG D 169 13.53 -25.14 15.47
N GLU D 170 13.82 -26.21 14.72
CA GLU D 170 13.89 -27.58 15.24
C GLU D 170 14.62 -27.55 16.59
#